data_6W9O
#
_entry.id   6W9O
#
_cell.length_a   52.543
_cell.length_b   56.641
_cell.length_c   63.956
_cell.angle_alpha   90.000
_cell.angle_beta   90.000
_cell.angle_gamma   90.000
#
_symmetry.space_group_name_H-M   'P 21 21 21'
#
loop_
_entity.id
_entity.type
_entity.pdbx_description
1 polymer 'OTU domain-containing protein wMelOTU'
2 non-polymer 'ACETATE ION'
3 water water
#
_entity_poly.entity_id   1
_entity_poly.type   'polypeptide(L)'
_entity_poly.pdbx_seq_one_letter_code
;MTTAKKRKLPSDLHDVEVGIKRPRISGQEITLLNSNPYPDNFYVGQAIGNGSCFFDSFRQSLEQQTGEQVTAEKLRNDCR
EFAQKNPPKWFTNAIVNSHDNNGQHRSETVDNYTADIMRNSRWGDPDVEGRILCEKYKVKLHVIENQTVDNQDLSLHELI
DNSGSKSAGEYNKVDYDDSSTVHIINKGGLHFEPLLDRNKSSAKQLQEQEDFLLA
;
_entity_poly.pdbx_strand_id   A
#
loop_
_chem_comp.id
_chem_comp.type
_chem_comp.name
_chem_comp.formula
ACT non-polymer 'ACETATE ION' 'C2 H3 O2 -1'
#
# COMPACT_ATOMS: atom_id res chain seq x y z
N ASN A 36 -9.44 8.53 15.00
CA ASN A 36 -9.18 9.93 15.29
C ASN A 36 -8.58 10.79 14.13
N PRO A 37 -7.47 10.34 13.51
CA PRO A 37 -6.97 11.07 12.32
C PRO A 37 -7.69 10.70 11.03
N TYR A 38 -8.98 10.35 11.11
CA TYR A 38 -9.75 9.95 9.94
C TYR A 38 -11.23 10.11 10.28
N PRO A 39 -12.12 10.15 9.29
CA PRO A 39 -13.54 10.36 9.58
C PRO A 39 -14.14 9.17 10.33
N ASP A 40 -15.29 9.44 10.96
CA ASP A 40 -15.89 8.48 11.86
C ASP A 40 -16.43 7.24 11.16
N ASN A 41 -16.64 7.31 9.85
CA ASN A 41 -17.05 6.09 9.13
C ASN A 41 -15.90 5.17 8.82
N PHE A 42 -14.64 5.56 9.07
CA PHE A 42 -13.52 4.67 8.79
C PHE A 42 -13.09 3.93 10.04
N TYR A 43 -12.50 2.76 9.84
CA TYR A 43 -12.06 1.96 10.98
C TYR A 43 -10.81 1.23 10.56
N VAL A 44 -10.02 0.81 11.55
CA VAL A 44 -8.82 0.02 11.31
C VAL A 44 -9.20 -1.48 11.22
N GLY A 45 -8.91 -2.09 10.07
CA GLY A 45 -9.15 -3.51 9.84
C GLY A 45 -7.99 -4.34 10.32
N GLN A 46 -7.94 -5.58 9.87
CA GLN A 46 -6.89 -6.50 10.25
C GLN A 46 -6.16 -6.93 9.00
N ALA A 47 -4.85 -7.11 9.11
CA ALA A 47 -4.03 -7.61 8.03
C ALA A 47 -3.37 -8.91 8.48
N ILE A 48 -3.02 -9.75 7.51
CA ILE A 48 -2.28 -10.97 7.82
CA ILE A 48 -2.26 -10.96 7.80
C ILE A 48 -0.91 -10.60 8.41
N GLY A 49 -0.41 -11.48 9.27
CA GLY A 49 0.82 -11.19 9.99
C GLY A 49 1.99 -12.10 9.68
N ASN A 50 2.06 -12.58 8.43
CA ASN A 50 3.13 -13.47 7.98
C ASN A 50 4.27 -12.71 7.29
N GLY A 51 4.30 -11.37 7.40
CA GLY A 51 5.25 -10.54 6.70
C GLY A 51 4.61 -9.78 5.55
N SER A 52 3.39 -10.17 5.14
CA SER A 52 2.73 -9.56 4.00
C SER A 52 1.70 -8.52 4.39
N CYS A 53 1.79 -7.93 5.60
CA CYS A 53 0.73 -6.99 5.99
C CYS A 53 0.62 -5.79 5.08
N PHE A 54 1.72 -5.32 4.45
CA PHE A 54 1.57 -4.18 3.56
C PHE A 54 0.71 -4.55 2.39
N PHE A 55 1.03 -5.68 1.76
CA PHE A 55 0.30 -6.12 0.56
C PHE A 55 -1.14 -6.44 0.91
N ASP A 56 -1.36 -7.08 2.05
CA ASP A 56 -2.73 -7.44 2.47
C ASP A 56 -3.54 -6.19 2.80
N SER A 57 -2.93 -5.19 3.42
CA SER A 57 -3.66 -3.95 3.72
C SER A 57 -4.03 -3.22 2.43
N PHE A 58 -3.07 -3.12 1.49
CA PHE A 58 -3.35 -2.51 0.19
C PHE A 58 -4.44 -3.26 -0.54
N ARG A 59 -4.37 -4.59 -0.56
CA ARG A 59 -5.40 -5.42 -1.23
C ARG A 59 -6.79 -5.12 -0.68
N GLN A 60 -6.92 -5.06 0.65
CA GLN A 60 -8.27 -4.92 1.21
C GLN A 60 -8.84 -3.57 0.87
N SER A 61 -8.04 -2.50 0.96
CA SER A 61 -8.59 -1.18 0.66
C SER A 61 -8.87 -1.07 -0.85
N LEU A 62 -7.99 -1.65 -1.68
CA LEU A 62 -8.24 -1.65 -3.13
C LEU A 62 -9.56 -2.32 -3.45
N GLU A 63 -9.84 -3.47 -2.84
CA GLU A 63 -11.06 -4.19 -3.19
C GLU A 63 -12.28 -3.37 -2.76
N GLN A 64 -12.22 -2.78 -1.57
CA GLN A 64 -13.40 -2.06 -1.11
C GLN A 64 -13.64 -0.81 -1.95
N GLN A 65 -12.57 -0.09 -2.31
CA GLN A 65 -12.68 1.18 -3.03
C GLN A 65 -13.04 0.97 -4.47
N THR A 66 -12.39 -0.02 -5.16
CA THR A 66 -12.57 -0.15 -6.62
C THR A 66 -13.24 -1.44 -7.07
N GLY A 67 -13.42 -2.40 -6.17
CA GLY A 67 -13.94 -3.68 -6.53
C GLY A 67 -12.90 -4.63 -7.09
N GLU A 68 -11.66 -4.18 -7.30
CA GLU A 68 -10.70 -5.06 -7.94
C GLU A 68 -10.08 -5.99 -6.87
N GLN A 69 -10.18 -7.30 -7.10
CA GLN A 69 -9.66 -8.32 -6.19
C GLN A 69 -8.31 -8.81 -6.70
N VAL A 70 -7.29 -8.65 -5.88
CA VAL A 70 -5.93 -9.10 -6.19
C VAL A 70 -5.42 -9.75 -4.89
N THR A 71 -4.84 -10.95 -4.97
CA THR A 71 -4.26 -11.53 -3.77
C THR A 71 -2.96 -10.82 -3.37
N ALA A 72 -2.57 -11.02 -2.11
CA ALA A 72 -1.32 -10.46 -1.67
C ALA A 72 -0.15 -11.03 -2.47
N GLU A 73 -0.22 -12.31 -2.83
CA GLU A 73 0.82 -12.91 -3.67
C GLU A 73 0.88 -12.26 -5.03
N LYS A 74 -0.29 -11.98 -5.63
CA LYS A 74 -0.29 -11.33 -6.94
C LYS A 74 0.33 -9.94 -6.84
N LEU A 75 0.09 -9.20 -5.74
CA LEU A 75 0.68 -7.88 -5.58
C LEU A 75 2.21 -7.98 -5.50
N ARG A 76 2.74 -9.00 -4.79
CA ARG A 76 4.20 -9.20 -4.81
C ARG A 76 4.66 -9.52 -6.22
N ASN A 77 3.90 -10.35 -6.95
CA ASN A 77 4.30 -10.67 -8.33
C ASN A 77 4.30 -9.43 -9.24
N ASP A 78 3.38 -8.50 -9.00
CA ASP A 78 3.36 -7.24 -9.77
C ASP A 78 4.66 -6.46 -9.53
N CYS A 79 5.21 -6.58 -8.32
CA CYS A 79 6.45 -5.87 -8.03
C CYS A 79 7.63 -6.59 -8.66
N ARG A 80 7.62 -7.93 -8.62
CA ARG A 80 8.63 -8.69 -9.34
C ARG A 80 8.62 -8.32 -10.82
N GLU A 81 7.43 -8.28 -11.42
CA GLU A 81 7.36 -7.99 -12.85
C GLU A 81 7.86 -6.57 -13.13
N PHE A 82 7.48 -5.61 -12.30
CA PHE A 82 8.00 -4.26 -12.47
C PHE A 82 9.52 -4.25 -12.52
N ALA A 83 10.17 -4.98 -11.60
CA ALA A 83 11.63 -5.03 -11.56
C ALA A 83 12.24 -5.75 -12.75
N GLN A 84 11.52 -6.70 -13.35
CA GLN A 84 12.05 -7.39 -14.52
C GLN A 84 11.86 -6.63 -15.83
N LYS A 85 10.95 -5.66 -15.90
CA LYS A 85 10.56 -5.05 -17.19
C LYS A 85 11.14 -3.63 -17.32
N ASN A 86 12.46 -3.56 -17.49
CA ASN A 86 13.17 -2.27 -17.74
C ASN A 86 12.66 -1.22 -16.76
N PRO A 87 12.86 -1.39 -15.44
CA PRO A 87 12.35 -0.42 -14.46
C PRO A 87 13.04 0.92 -14.60
N PRO A 88 12.30 2.01 -14.38
CA PRO A 88 12.89 3.35 -14.42
C PRO A 88 13.83 3.58 -13.23
N LYS A 89 14.59 4.66 -13.35
CA LYS A 89 15.74 4.90 -12.48
C LYS A 89 15.33 5.13 -11.04
N TRP A 90 14.14 5.66 -10.78
CA TRP A 90 13.76 5.84 -9.37
C TRP A 90 13.89 4.52 -8.61
N PHE A 91 13.56 3.42 -9.25
CA PHE A 91 13.48 2.14 -8.58
C PHE A 91 14.85 1.61 -8.32
N THR A 92 15.70 1.56 -9.34
CA THR A 92 17.06 1.08 -9.11
C THR A 92 17.79 2.00 -8.14
N ASN A 93 17.51 3.30 -8.19
CA ASN A 93 18.13 4.24 -7.24
C ASN A 93 17.70 3.91 -5.80
N ALA A 94 16.47 3.47 -5.63
CA ALA A 94 15.92 3.32 -4.27
C ALA A 94 16.46 2.06 -3.62
N ILE A 95 16.71 1.02 -4.41
CA ILE A 95 17.05 -0.25 -3.80
C ILE A 95 18.54 -0.54 -3.84
N VAL A 96 19.33 0.28 -4.54
CA VAL A 96 20.79 0.14 -4.57
C VAL A 96 21.34 1.12 -3.55
N GLN A 104 25.78 -3.39 -13.69
CA GLN A 104 26.91 -3.50 -12.77
C GLN A 104 26.44 -4.14 -11.47
N HIS A 105 26.68 -3.43 -10.37
CA HIS A 105 26.04 -3.79 -9.11
C HIS A 105 24.52 -3.67 -9.23
N ARG A 106 24.05 -2.79 -10.11
CA ARG A 106 22.59 -2.56 -10.28
C ARG A 106 21.89 -3.81 -10.79
N SER A 107 22.50 -4.53 -11.75
CA SER A 107 21.84 -5.67 -12.36
C SER A 107 21.65 -6.80 -11.36
N GLU A 108 22.65 -7.04 -10.51
CA GLU A 108 22.53 -8.10 -9.51
C GLU A 108 21.57 -7.68 -8.41
N THR A 109 21.56 -6.39 -8.06
CA THR A 109 20.62 -5.94 -7.05
C THR A 109 19.18 -6.11 -7.52
N VAL A 110 18.92 -5.80 -8.79
CA VAL A 110 17.57 -6.01 -9.32
C VAL A 110 17.24 -7.49 -9.37
N ASP A 111 18.18 -8.32 -9.77
CA ASP A 111 17.90 -9.75 -9.78
C ASP A 111 17.64 -10.30 -8.39
N ASN A 112 18.42 -9.86 -7.39
CA ASN A 112 18.13 -10.27 -6.01
C ASN A 112 16.72 -9.86 -5.60
N TYR A 113 16.31 -8.63 -5.96
CA TYR A 113 14.96 -8.16 -5.64
C TYR A 113 13.91 -9.08 -6.24
N THR A 114 14.07 -9.50 -7.51
CA THR A 114 13.02 -10.29 -8.14
C THR A 114 12.80 -11.60 -7.39
N ALA A 115 13.85 -12.13 -6.77
CA ALA A 115 13.66 -13.32 -5.92
C ALA A 115 13.10 -12.94 -4.55
N ASP A 116 13.70 -11.92 -3.91
CA ASP A 116 13.36 -11.62 -2.53
C ASP A 116 11.93 -11.13 -2.39
N ILE A 117 11.40 -10.37 -3.38
CA ILE A 117 10.09 -9.78 -3.25
C ILE A 117 8.97 -10.82 -3.19
N MET A 118 9.24 -12.04 -3.64
CA MET A 118 8.23 -13.09 -3.57
C MET A 118 8.23 -13.81 -2.23
N ARG A 119 9.15 -13.49 -1.33
CA ARG A 119 9.24 -14.17 -0.03
C ARG A 119 8.40 -13.40 0.99
N ASN A 120 7.57 -14.12 1.76
CA ASN A 120 6.79 -13.41 2.78
C ASN A 120 7.69 -12.72 3.79
N SER A 121 8.94 -13.19 3.91
CA SER A 121 9.90 -12.58 4.83
C SER A 121 10.27 -11.15 4.44
N ARG A 122 10.09 -10.74 3.18
CA ARG A 122 10.47 -9.39 2.76
CA ARG A 122 10.46 -9.40 2.74
C ARG A 122 9.24 -8.51 2.94
N TRP A 123 9.26 -7.67 3.96
CA TRP A 123 8.08 -6.83 4.21
C TRP A 123 7.97 -5.71 3.18
N GLY A 124 6.75 -5.39 2.77
CA GLY A 124 6.55 -4.34 1.76
C GLY A 124 6.71 -2.93 2.31
N ASP A 125 7.10 -2.02 1.42
CA ASP A 125 7.45 -0.63 1.75
C ASP A 125 6.60 0.27 0.86
N PRO A 126 5.80 1.15 1.45
CA PRO A 126 4.97 2.08 0.61
C PRO A 126 5.79 2.88 -0.37
N ASP A 127 7.03 3.26 -0.04
CA ASP A 127 7.78 4.11 -0.93
C ASP A 127 8.26 3.36 -2.16
N VAL A 128 8.34 2.03 -2.10
CA VAL A 128 8.84 1.27 -3.25
C VAL A 128 7.70 0.43 -3.82
N GLU A 129 7.30 -0.60 -3.10
CA GLU A 129 6.19 -1.41 -3.59
C GLU A 129 4.92 -0.60 -3.69
N GLY A 130 4.68 0.34 -2.77
CA GLY A 130 3.45 1.15 -2.89
C GLY A 130 3.43 1.97 -4.18
N ARG A 131 4.57 2.55 -4.55
CA ARG A 131 4.66 3.33 -5.78
C ARG A 131 4.43 2.44 -7.01
N ILE A 132 4.99 1.23 -7.00
CA ILE A 132 4.79 0.30 -8.11
C ILE A 132 3.31 -0.06 -8.23
N LEU A 133 2.64 -0.34 -7.11
CA LEU A 133 1.25 -0.77 -7.20
C LEU A 133 0.32 0.39 -7.54
N CYS A 134 0.65 1.61 -7.11
CA CYS A 134 -0.14 2.77 -7.48
C CYS A 134 -0.10 2.94 -9.00
N GLU A 135 1.07 2.75 -9.59
CA GLU A 135 1.21 2.83 -11.05
C GLU A 135 0.39 1.75 -11.76
N LYS A 136 0.42 0.52 -11.28
CA LYS A 136 -0.31 -0.56 -11.95
C LYS A 136 -1.82 -0.37 -11.82
N TYR A 137 -2.31 -0.06 -10.64
CA TYR A 137 -3.76 -0.04 -10.37
C TYR A 137 -4.36 1.33 -10.49
N LYS A 138 -3.55 2.34 -10.84
CA LYS A 138 -4.06 3.70 -11.12
C LYS A 138 -4.78 4.25 -9.89
N VAL A 139 -4.14 4.01 -8.77
CA VAL A 139 -4.58 4.58 -7.45
CA VAL A 139 -4.56 4.59 -7.46
C VAL A 139 -3.48 5.40 -6.66
N LYS A 140 -4.03 6.24 -5.81
CA LYS A 140 -3.12 6.96 -4.88
C LYS A 140 -3.17 6.22 -3.57
N LEU A 141 -2.04 6.12 -2.87
CA LEU A 141 -1.99 5.38 -1.60
C LEU A 141 -1.81 6.40 -0.47
N HIS A 142 -2.77 6.45 0.45
CA HIS A 142 -2.71 7.31 1.64
C HIS A 142 -2.26 6.45 2.80
N VAL A 143 -1.16 6.87 3.46
CA VAL A 143 -0.65 6.19 4.64
C VAL A 143 -0.81 7.14 5.81
N ILE A 144 -1.45 6.68 6.88
CA ILE A 144 -1.47 7.43 8.13
C ILE A 144 -0.32 6.90 8.97
N GLU A 145 0.69 7.73 9.25
CA GLU A 145 1.86 7.30 10.01
C GLU A 145 1.77 7.88 11.40
N ASN A 146 1.93 7.05 12.40
CA ASN A 146 2.13 7.60 13.74
C ASN A 146 3.59 8.03 13.92
N GLN A 147 3.77 9.13 14.64
CA GLN A 147 5.11 9.63 14.99
C GLN A 147 4.96 10.63 16.12
N LEU A 154 1.26 12.15 17.51
CA LEU A 154 0.66 12.83 16.36
C LEU A 154 0.55 11.87 15.19
N SER A 155 -0.33 12.23 14.25
CA SER A 155 -0.54 11.43 13.02
C SER A 155 -0.15 12.26 11.80
N LEU A 156 0.75 11.71 10.98
CA LEU A 156 1.20 12.34 9.75
C LEU A 156 0.53 11.61 8.58
N HIS A 157 0.11 12.37 7.58
CA HIS A 157 -0.53 11.79 6.42
C HIS A 157 0.44 11.90 5.24
N GLU A 158 0.67 10.77 4.57
CA GLU A 158 1.50 10.72 3.38
C GLU A 158 0.63 10.26 2.23
N LEU A 159 0.91 10.78 1.05
CA LEU A 159 0.23 10.36 -0.16
C LEU A 159 1.28 9.96 -1.17
N ILE A 160 1.15 8.74 -1.70
CA ILE A 160 2.07 8.16 -2.65
C ILE A 160 1.28 7.95 -3.94
N ASP A 161 1.90 8.25 -5.07
CA ASP A 161 1.27 7.83 -6.34
C ASP A 161 2.36 7.35 -7.27
N ASN A 162 2.02 7.23 -8.55
CA ASN A 162 2.97 6.62 -9.45
C ASN A 162 4.26 7.43 -9.54
N SER A 163 4.20 8.70 -9.14
CA SER A 163 5.38 9.58 -9.20
C SER A 163 6.11 9.76 -7.85
N GLY A 164 5.70 9.07 -6.80
CA GLY A 164 6.44 9.12 -5.55
C GLY A 164 5.63 9.62 -4.37
N SER A 165 6.31 10.00 -3.29
CA SER A 165 5.74 10.11 -1.95
C SER A 165 5.86 11.54 -1.50
N LYS A 166 4.77 12.11 -0.97
CA LYS A 166 4.75 13.49 -0.48
C LYS A 166 3.86 13.57 0.76
N SER A 167 4.14 14.54 1.62
CA SER A 167 3.24 14.81 2.74
C SER A 167 1.93 15.38 2.22
N ALA A 168 0.82 15.02 2.86
CA ALA A 168 -0.46 15.60 2.45
C ALA A 168 -0.52 17.04 2.95
N GLY A 169 -0.26 18.01 2.06
CA GLY A 169 -0.31 19.41 2.38
C GLY A 169 -1.48 20.10 1.70
N GLU A 170 -1.48 21.44 1.71
CA GLU A 170 -2.64 22.18 1.20
C GLU A 170 -3.00 21.81 -0.25
N TYR A 171 -2.03 21.53 -1.10
CA TYR A 171 -2.31 21.18 -2.48
C TYR A 171 -2.58 19.71 -2.72
N ASN A 172 -2.33 18.86 -1.73
CA ASN A 172 -2.59 17.43 -1.87
CA ASN A 172 -2.57 17.44 -1.86
C ASN A 172 -3.30 16.93 -0.62
N LYS A 173 -4.44 17.53 -0.32
CA LYS A 173 -5.21 17.09 0.83
C LYS A 173 -5.74 15.69 0.59
N VAL A 174 -5.77 14.87 1.64
CA VAL A 174 -6.35 13.55 1.53
C VAL A 174 -7.83 13.71 1.24
N ASP A 175 -8.33 12.92 0.31
CA ASP A 175 -9.75 12.99 -0.06
C ASP A 175 -10.35 11.64 0.33
N TYR A 176 -11.18 11.64 1.39
CA TYR A 176 -11.79 10.40 1.86
C TYR A 176 -13.04 10.02 1.07
N ASP A 177 -13.40 10.80 0.04
CA ASP A 177 -14.51 10.46 -0.85
C ASP A 177 -14.04 10.07 -2.23
N ASP A 178 -12.75 9.87 -2.43
CA ASP A 178 -12.19 9.54 -3.73
C ASP A 178 -12.00 8.04 -3.85
N SER A 179 -12.72 7.41 -4.78
CA SER A 179 -12.60 5.97 -4.93
C SER A 179 -11.24 5.54 -5.47
N SER A 180 -10.44 6.48 -5.99
CA SER A 180 -9.11 6.12 -6.48
CA SER A 180 -9.11 6.14 -6.48
C SER A 180 -8.02 6.34 -5.46
N THR A 181 -8.37 6.63 -4.20
CA THR A 181 -7.36 6.64 -3.13
C THR A 181 -7.60 5.40 -2.28
N VAL A 182 -6.53 4.63 -2.00
CA VAL A 182 -6.59 3.53 -1.06
C VAL A 182 -5.91 4.00 0.23
N HIS A 183 -6.26 3.36 1.36
CA HIS A 183 -5.88 3.89 2.69
C HIS A 183 -5.34 2.78 3.57
N ILE A 184 -4.18 3.06 4.20
CA ILE A 184 -3.63 2.11 5.17
C ILE A 184 -3.06 2.90 6.33
N ILE A 185 -2.92 2.23 7.45
CA ILE A 185 -2.41 2.89 8.67
C ILE A 185 -1.15 2.18 9.12
N ASN A 186 -0.16 2.98 9.50
CA ASN A 186 1.21 2.50 9.83
C ASN A 186 1.48 2.84 11.30
N LYS A 187 1.32 1.85 12.19
CA LYS A 187 1.55 2.16 13.60
C LYS A 187 3.01 2.41 13.94
N GLY A 188 3.91 1.82 13.15
CA GLY A 188 5.34 1.94 13.45
C GLY A 188 6.09 1.00 12.53
N GLY A 189 7.38 1.26 12.31
CA GLY A 189 8.14 0.38 11.45
C GLY A 189 7.46 0.18 10.14
N LEU A 190 7.51 -1.05 9.65
CA LEU A 190 6.76 -1.43 8.43
C LEU A 190 5.52 -2.26 8.75
N HIS A 191 4.86 -1.95 9.88
CA HIS A 191 3.62 -2.63 10.27
C HIS A 191 2.45 -1.84 9.73
N PHE A 192 1.55 -2.52 8.99
CA PHE A 192 0.41 -1.85 8.37
C PHE A 192 -0.87 -2.61 8.63
N GLU A 193 -1.97 -1.85 8.64
CA GLU A 193 -3.33 -2.40 8.63
CA GLU A 193 -3.33 -2.40 8.63
C GLU A 193 -4.12 -1.60 7.62
N PRO A 194 -5.19 -2.17 7.04
CA PRO A 194 -6.03 -1.41 6.11
C PRO A 194 -6.90 -0.45 6.92
N LEU A 195 -7.19 0.75 6.32
CA LEU A 195 -8.18 1.65 6.89
C LEU A 195 -9.41 1.55 6.00
N LEU A 196 -10.50 0.99 6.55
CA LEU A 196 -11.67 0.63 5.72
C LEU A 196 -12.84 1.52 6.10
N ASP A 197 -13.89 1.48 5.28
CA ASP A 197 -15.04 2.38 5.41
C ASP A 197 -16.26 1.54 5.75
N ARG A 198 -16.90 1.83 6.89
CA ARG A 198 -18.09 1.07 7.25
C ARG A 198 -19.17 1.15 6.15
N ASN A 199 -19.25 2.28 5.46
CA ASN A 199 -20.29 2.46 4.47
C ASN A 199 -20.13 1.50 3.32
N LYS A 200 -18.95 0.96 3.09
CA LYS A 200 -18.63 0.09 1.96
C LYS A 200 -18.41 -1.35 2.40
N SER A 201 -18.66 -1.64 3.67
CA SER A 201 -18.44 -2.96 4.26
C SER A 201 -19.76 -3.68 4.48
N SER A 202 -19.78 -4.99 4.28
CA SER A 202 -20.99 -5.76 4.53
C SER A 202 -21.26 -5.86 6.02
N ALA A 203 -22.48 -6.17 6.40
CA ALA A 203 -22.80 -6.29 7.81
C ALA A 203 -21.98 -7.40 8.43
N LYS A 204 -21.79 -8.51 7.68
CA LYS A 204 -20.99 -9.61 8.20
C LYS A 204 -19.55 -9.18 8.46
N GLN A 205 -18.95 -8.45 7.52
CA GLN A 205 -17.59 -7.92 7.70
C GLN A 205 -17.51 -7.08 8.97
N LEU A 206 -18.50 -6.25 9.22
CA LEU A 206 -18.49 -5.40 10.40
C LEU A 206 -18.66 -6.20 11.69
N GLN A 207 -19.47 -7.26 11.66
CA GLN A 207 -19.55 -8.13 12.84
C GLN A 207 -18.24 -8.86 13.10
N GLU A 208 -17.53 -9.26 12.03
CA GLU A 208 -16.23 -9.91 12.21
C GLU A 208 -15.21 -8.93 12.78
N GLN A 209 -15.35 -7.65 12.43
CA GLN A 209 -14.54 -6.62 13.05
C GLN A 209 -14.89 -6.44 14.54
N GLU A 210 -16.16 -6.60 14.90
CA GLU A 210 -16.58 -6.42 16.29
C GLU A 210 -16.48 -7.74 17.05
C ACT B . -5.39 -3.12 -13.41
O ACT B . -5.71 -4.36 -13.38
OXT ACT B . -4.27 -2.62 -13.63
CH3 ACT B . -6.56 -2.10 -13.15
#